data_6J1Z
#
_entry.id   6J1Z
#
_cell.length_a   56.031
_cell.length_b   79.579
_cell.length_c   58.870
_cell.angle_alpha   90.00
_cell.angle_beta   112.68
_cell.angle_gamma   90.00
#
_symmetry.space_group_name_H-M   'P 1 21 1'
#
loop_
_entity.id
_entity.type
_entity.pdbx_description
1 polymer 'NEDD4-like E3 ubiquitin-protein ligase WWP2'
2 water water
#
_entity_poly.entity_id   1
_entity_poly.type   'polypeptide(L)'
_entity_poly.pdbx_seq_one_letter_code
;GPGSEFRPLPPGWEKRTDPRGRFYYVDHNTRTTTWQRPTAEYVRNYEQWQSQRNQLQGAMQHFSQRFLYQSSSASTDHDP
LGPENLYFQGESGTKQGSPGAYDRSFRWKYHQFRFLCHSNALPSHVKISVSRQTLFEDSFQQIMNMKPYDLRRRLYIIMR
GEEGLDYGGIAREWFFLLSHEVLNPMYCLFEYAGKNNYCLQINPASSINPDHLTYFRFIGRFIAMALYHGKFIDTGFTLP
FYKRMLNKRPTLKDLESIDPEFYNSIVWIKENNLEECGLELYFIQDMEILGKVTTHELKEGGESIRVTEENKEEYIMLLT
DWRFTRGVEEQTKAFLDGFNEVAPLEWLRYFDEKELELMLCGMQEIDMSDWQKSTIYRHYTKNSKQIQWFWQVVKEMDNE
KRIRLLQFVTGTCRLPVGGFAELIGSNGPQKFCIDKVGKETWLPRSHTCFNRLDLPPYKSYEQLREKLLYAIEETEGFGQ
E
;
_entity_poly.pdbx_strand_id   A
#
# COMPACT_ATOMS: atom_id res chain seq x y z
N LEU A 9 3.34 -6.28 -34.38
CA LEU A 9 3.28 -5.05 -33.59
C LEU A 9 2.19 -4.15 -34.13
N PRO A 10 1.41 -3.54 -33.23
CA PRO A 10 0.20 -2.81 -33.63
C PRO A 10 0.52 -1.53 -34.39
N PRO A 11 -0.46 -0.98 -35.09
CA PRO A 11 -0.23 0.30 -35.78
C PRO A 11 0.22 1.39 -34.82
N GLY A 12 1.07 2.27 -35.34
CA GLY A 12 1.59 3.38 -34.60
C GLY A 12 2.88 3.12 -33.84
N TRP A 13 3.22 1.86 -33.60
CA TRP A 13 4.40 1.50 -32.83
C TRP A 13 5.57 1.15 -33.74
N GLU A 14 6.78 1.37 -33.24
CA GLU A 14 8.01 0.91 -33.88
C GLU A 14 8.88 0.35 -32.77
N LYS A 15 9.89 -0.46 -33.16
CA LYS A 15 10.87 -1.02 -32.23
C LYS A 15 12.23 -0.36 -32.49
N ARG A 16 12.54 0.67 -31.70
CA ARG A 16 13.76 1.44 -31.89
C ARG A 16 14.94 0.80 -31.15
N THR A 17 16.11 1.42 -31.26
CA THR A 17 17.33 0.89 -30.67
C THR A 17 18.07 2.07 -30.03
N ASP A 18 18.23 2.03 -28.70
CA ASP A 18 18.94 3.09 -28.00
C ASP A 18 20.43 2.99 -28.33
N PRO A 19 21.19 4.08 -28.19
CA PRO A 19 22.59 4.05 -28.61
C PRO A 19 23.45 3.02 -27.88
N ARG A 20 22.97 2.47 -26.76
CA ARG A 20 23.68 1.37 -26.09
C ARG A 20 23.36 0.01 -26.68
N GLY A 21 22.43 -0.06 -27.64
CA GLY A 21 22.10 -1.31 -28.30
C GLY A 21 20.90 -2.05 -27.77
N ARG A 22 20.22 -1.52 -26.74
CA ARG A 22 19.02 -2.14 -26.18
C ARG A 22 17.77 -1.70 -26.96
N PHE A 23 16.73 -2.53 -26.89
CA PHE A 23 15.50 -2.33 -27.65
C PHE A 23 14.40 -1.77 -26.75
N TYR A 24 13.77 -0.69 -27.18
CA TYR A 24 12.56 -0.15 -26.55
C TYR A 24 11.48 0.01 -27.61
N TYR A 25 10.33 0.55 -27.21
CA TYR A 25 9.22 0.67 -28.15
C TYR A 25 8.59 2.05 -28.04
N VAL A 26 8.30 2.63 -29.19
CA VAL A 26 7.72 3.97 -29.29
C VAL A 26 6.31 3.83 -29.81
N ASP A 27 5.35 4.43 -29.09
CA ASP A 27 3.94 4.47 -29.48
C ASP A 27 3.67 5.84 -30.07
N HIS A 28 3.67 5.92 -31.40
CA HIS A 28 3.54 7.20 -32.08
C HIS A 28 2.12 7.72 -32.03
N ASN A 29 1.14 6.87 -31.72
CA ASN A 29 -0.22 7.35 -31.58
C ASN A 29 -0.47 7.99 -30.23
N THR A 30 0.39 7.78 -29.23
CA THR A 30 0.23 8.46 -27.95
C THR A 30 1.48 9.24 -27.56
N ARG A 31 2.44 9.37 -28.47
CA ARG A 31 3.73 10.02 -28.24
C ARG A 31 4.33 9.51 -26.94
N THR A 32 4.25 8.21 -26.70
CA THR A 32 4.87 7.59 -25.55
C THR A 32 5.99 6.64 -25.99
N THR A 33 6.84 6.33 -25.01
CA THR A 33 7.81 5.27 -25.12
C THR A 33 7.63 4.28 -23.96
N THR A 34 8.05 3.04 -24.18
CA THR A 34 8.17 2.06 -23.10
C THR A 34 9.26 1.05 -23.43
N TRP A 35 9.86 0.49 -22.38
CA TRP A 35 10.84 -0.58 -22.57
C TRP A 35 10.19 -1.93 -22.81
N GLN A 36 8.86 -2.02 -22.73
CA GLN A 36 8.16 -3.30 -22.80
C GLN A 36 7.55 -3.52 -24.18
N ARG A 37 7.55 -4.78 -24.63
CA ARG A 37 6.87 -5.11 -25.90
C ARG A 37 5.37 -4.92 -25.72
N PRO A 38 4.71 -4.29 -26.68
CA PRO A 38 3.27 -4.01 -26.56
C PRO A 38 2.37 -5.24 -26.62
N THR A 39 2.37 -6.05 -25.57
CA THR A 39 1.42 -7.15 -25.48
C THR A 39 -0.02 -6.63 -25.60
N ALA A 40 -0.93 -7.53 -25.97
CA ALA A 40 -2.34 -7.22 -25.81
C ALA A 40 -2.68 -6.98 -24.34
N GLU A 41 -1.91 -7.57 -23.43
CA GLU A 41 -2.07 -7.23 -22.03
C GLU A 41 -1.64 -5.79 -21.76
N TYR A 42 -0.56 -5.33 -22.40
CA TYR A 42 -0.04 -3.99 -22.10
C TYR A 42 -1.01 -2.92 -22.60
N VAL A 43 -1.42 -3.01 -23.87
CA VAL A 43 -2.38 -2.05 -24.43
C VAL A 43 -3.65 -2.05 -23.60
N ARG A 44 -4.02 -3.21 -23.03
CA ARG A 44 -5.16 -3.28 -22.14
C ARG A 44 -4.94 -2.44 -20.89
N ASN A 45 -3.84 -2.72 -20.18
CA ASN A 45 -3.58 -2.00 -18.94
C ASN A 45 -3.30 -0.51 -19.20
N TYR A 46 -2.51 -0.20 -20.23
CA TYR A 46 -2.25 1.22 -20.49
C TYR A 46 -3.53 1.94 -20.84
N GLU A 47 -4.37 1.33 -21.67
CA GLU A 47 -5.66 1.95 -21.98
C GLU A 47 -6.49 2.12 -20.72
N GLN A 48 -6.52 1.11 -19.85
CA GLN A 48 -7.32 1.22 -18.64
C GLN A 48 -6.74 2.26 -17.69
N TRP A 49 -5.44 2.18 -17.43
CA TRP A 49 -4.82 3.09 -16.48
C TRP A 49 -4.98 4.53 -16.89
N GLN A 50 -4.95 4.80 -18.21
CA GLN A 50 -5.13 6.17 -18.68
C GLN A 50 -6.58 6.61 -18.55
N SER A 51 -7.54 5.68 -18.68
CA SER A 51 -8.93 6.00 -18.39
C SER A 51 -9.12 6.38 -16.93
N GLN A 52 -8.33 5.80 -16.02
CA GLN A 52 -8.39 6.21 -14.63
C GLN A 52 -7.62 7.51 -14.36
N ARG A 53 -6.56 7.79 -15.13
CA ARG A 53 -5.87 9.08 -14.99
C ARG A 53 -6.81 10.23 -15.32
N ASN A 54 -7.81 10.00 -16.17
CA ASN A 54 -8.71 11.09 -16.53
C ASN A 54 -9.63 11.45 -15.37
N GLN A 55 -10.15 10.44 -14.67
CA GLN A 55 -11.03 10.69 -13.53
C GLN A 55 -10.30 11.30 -12.35
N LEU A 56 -8.97 11.24 -12.33
CA LEU A 56 -8.20 11.81 -11.23
C LEU A 56 -8.52 13.28 -11.01
N GLN A 57 -8.92 13.97 -12.08
CA GLN A 57 -9.38 15.34 -12.05
C GLN A 57 -10.30 15.63 -10.85
N GLY A 58 -11.49 15.05 -10.86
CA GLY A 58 -12.45 15.36 -9.82
C GLY A 58 -12.02 14.87 -8.45
N ALA A 59 -11.39 13.70 -8.39
CA ALA A 59 -11.05 13.08 -7.12
C ALA A 59 -10.01 13.85 -6.32
N MET A 60 -9.42 14.92 -6.88
CA MET A 60 -8.53 15.77 -6.10
C MET A 60 -9.30 16.57 -5.06
N GLN A 61 -10.56 16.90 -5.34
CA GLN A 61 -11.35 17.64 -4.37
C GLN A 61 -11.63 16.79 -3.14
N HIS A 62 -11.99 15.52 -3.37
CA HIS A 62 -12.15 14.60 -2.27
C HIS A 62 -10.83 14.39 -1.53
N PHE A 63 -9.74 14.28 -2.28
CA PHE A 63 -8.44 14.10 -1.65
C PHE A 63 -8.13 15.24 -0.70
N SER A 64 -8.53 16.46 -1.07
CA SER A 64 -8.28 17.62 -0.22
C SER A 64 -8.82 17.41 1.19
N GLN A 65 -9.89 16.64 1.33
CA GLN A 65 -10.55 16.44 2.61
C GLN A 65 -9.82 15.44 3.51
N ARG A 66 -8.68 14.89 3.09
CA ARG A 66 -7.84 14.10 3.97
C ARG A 66 -7.09 15.00 4.92
N PHE A 67 -6.83 14.50 6.13
CA PHE A 67 -6.25 15.35 7.17
C PHE A 67 -5.45 14.51 8.15
N LEU A 68 -4.52 15.16 8.83
CA LEU A 68 -3.97 14.66 10.08
C LEU A 68 -4.32 15.65 11.20
N TYR A 69 -3.72 15.46 12.37
CA TYR A 69 -4.00 16.36 13.47
C TYR A 69 -3.44 17.75 13.17
N GLN A 70 -4.16 18.78 13.63
CA GLN A 70 -3.77 20.17 13.41
C GLN A 70 -2.35 20.46 13.92
N ARG A 104 3.01 5.79 24.57
CA ARG A 104 2.79 7.06 23.88
C ARG A 104 1.80 6.88 22.74
N SER A 105 0.91 7.85 22.59
CA SER A 105 -0.10 7.84 21.55
C SER A 105 0.51 8.25 20.20
N PHE A 106 -0.32 8.17 19.15
CA PHE A 106 0.09 8.60 17.83
C PHE A 106 -0.22 10.08 17.59
N ARG A 107 -1.29 10.62 18.16
CA ARG A 107 -1.38 12.06 18.25
C ARG A 107 -0.08 12.61 18.85
N TRP A 108 0.41 11.96 19.90
CA TRP A 108 1.73 12.33 20.43
C TRP A 108 2.80 12.15 19.37
N LYS A 109 2.98 10.89 18.93
CA LYS A 109 4.14 10.52 18.13
C LYS A 109 4.27 11.37 16.87
N TYR A 110 3.13 11.83 16.34
CA TYR A 110 3.13 12.58 15.09
C TYR A 110 3.62 14.00 15.29
N HIS A 111 3.36 14.58 16.47
CA HIS A 111 3.92 15.90 16.79
C HIS A 111 5.41 15.80 17.08
N GLN A 112 5.84 14.73 17.77
CA GLN A 112 7.26 14.46 17.91
C GLN A 112 7.94 14.32 16.55
N PHE A 113 7.33 13.60 15.61
CA PHE A 113 7.93 13.49 14.28
C PHE A 113 7.94 14.84 13.58
N ARG A 114 6.79 15.52 13.53
CA ARG A 114 6.73 16.78 12.81
C ARG A 114 7.74 17.78 13.37
N PHE A 115 8.05 17.68 14.67
CA PHE A 115 9.09 18.51 15.25
C PHE A 115 10.48 18.11 14.76
N LEU A 116 10.78 16.81 14.73
CA LEU A 116 12.08 16.35 14.25
C LEU A 116 12.32 16.78 12.81
N CYS A 117 11.25 16.98 12.05
CA CYS A 117 11.38 17.45 10.68
C CYS A 117 11.53 18.97 10.64
N HIS A 118 10.72 19.69 11.42
CA HIS A 118 10.74 21.15 11.42
C HIS A 118 12.04 21.69 12.00
N SER A 119 12.90 20.80 12.48
CA SER A 119 14.17 21.14 13.09
C SER A 119 15.36 20.80 12.21
N ASN A 120 15.37 19.61 11.64
CA ASN A 120 16.41 19.25 10.68
C ASN A 120 16.23 19.95 9.31
N ALA A 121 15.29 20.90 9.21
CA ALA A 121 14.96 21.50 7.93
C ALA A 121 16.08 22.42 7.46
N LEU A 122 16.05 22.76 6.20
CA LEU A 122 17.07 23.59 5.69
C LEU A 122 16.49 24.83 5.20
N PRO A 123 17.31 25.86 5.15
CA PRO A 123 16.86 27.17 4.74
C PRO A 123 16.76 27.36 3.26
N SER A 124 15.91 28.28 2.85
CA SER A 124 15.67 28.66 1.49
C SER A 124 14.54 27.95 0.89
N HIS A 125 14.67 27.66 -0.38
CA HIS A 125 13.64 27.00 -1.06
C HIS A 125 14.30 26.08 -2.02
N VAL A 126 13.48 25.16 -2.50
CA VAL A 126 13.79 24.23 -3.57
C VAL A 126 12.70 24.37 -4.62
N LYS A 127 13.08 24.51 -5.88
CA LYS A 127 12.12 24.78 -6.96
C LYS A 127 12.04 23.61 -7.91
N ILE A 128 10.82 23.09 -8.12
CA ILE A 128 10.54 22.09 -9.14
C ILE A 128 9.56 22.70 -10.13
N SER A 129 9.80 22.48 -11.41
CA SER A 129 8.94 22.98 -12.47
C SER A 129 8.46 21.79 -13.29
N VAL A 130 7.17 21.78 -13.60
CA VAL A 130 6.58 20.69 -14.35
C VAL A 130 5.50 21.26 -15.28
N SER A 131 5.19 20.50 -16.33
CA SER A 131 4.02 20.72 -17.15
C SER A 131 3.17 19.46 -17.13
N ARG A 132 1.86 19.62 -17.40
CA ARG A 132 0.90 18.58 -17.07
C ARG A 132 1.14 17.29 -17.83
N GLN A 133 1.65 17.37 -19.06
CA GLN A 133 2.02 16.16 -19.80
C GLN A 133 3.42 15.64 -19.44
N THR A 134 4.07 16.26 -18.45
CA THR A 134 5.42 15.89 -18.07
C THR A 134 5.61 15.91 -16.56
N LEU A 135 4.54 15.72 -15.77
CA LEU A 135 4.73 15.70 -14.32
C LEU A 135 5.79 14.69 -13.93
N PHE A 136 5.77 13.51 -14.54
CA PHE A 136 6.69 12.47 -14.13
C PHE A 136 8.10 12.72 -14.66
N GLU A 137 8.24 12.81 -15.99
CA GLU A 137 9.54 13.05 -16.60
C GLU A 137 10.26 14.23 -15.95
N ASP A 138 9.56 15.34 -15.68
CA ASP A 138 10.23 16.52 -15.15
C ASP A 138 10.61 16.32 -13.71
N SER A 139 9.65 15.83 -12.92
CA SER A 139 9.88 15.59 -11.51
C SER A 139 11.07 14.66 -11.33
N PHE A 140 11.08 13.56 -12.08
CA PHE A 140 12.13 12.55 -11.99
C PHE A 140 13.51 13.12 -12.27
N GLN A 141 13.67 13.79 -13.42
CA GLN A 141 14.98 14.30 -13.79
C GLN A 141 15.45 15.36 -12.80
N GLN A 142 14.52 16.19 -12.30
CA GLN A 142 14.88 17.31 -11.43
C GLN A 142 15.19 16.88 -10.01
N ILE A 143 14.48 15.88 -9.47
CA ILE A 143 14.71 15.43 -8.09
C ILE A 143 15.98 14.58 -7.98
N MET A 144 16.24 13.71 -8.97
CA MET A 144 17.48 12.94 -8.97
C MET A 144 18.72 13.79 -9.29
N ASN A 145 18.54 14.96 -9.91
CA ASN A 145 19.69 15.85 -10.09
C ASN A 145 20.24 16.32 -8.75
N MET A 146 19.35 16.70 -7.84
CA MET A 146 19.76 17.40 -6.63
C MET A 146 20.40 16.45 -5.62
N LYS A 147 21.19 17.04 -4.73
CA LYS A 147 21.65 16.32 -3.55
C LYS A 147 20.46 16.15 -2.61
N PRO A 148 20.37 15.04 -1.89
CA PRO A 148 19.10 14.73 -1.21
C PRO A 148 18.68 15.75 -0.18
N TYR A 149 19.63 16.47 0.43
CA TYR A 149 19.23 17.37 1.50
C TYR A 149 18.44 18.56 0.97
N ASP A 150 18.79 19.06 -0.21
CA ASP A 150 18.06 20.20 -0.76
C ASP A 150 16.57 19.89 -0.91
N LEU A 151 16.18 18.63 -0.90
CA LEU A 151 14.76 18.31 -0.90
C LEU A 151 14.08 18.62 0.42
N ARG A 152 14.84 18.99 1.45
CA ARG A 152 14.29 19.34 2.76
C ARG A 152 14.09 20.83 2.94
N ARG A 153 14.30 21.62 1.89
CA ARG A 153 13.96 23.02 1.92
C ARG A 153 12.49 23.21 1.58
N ARG A 154 11.99 24.44 1.76
CA ARG A 154 10.58 24.75 1.52
C ARG A 154 10.20 24.60 0.05
N LEU A 155 9.83 23.38 -0.35
CA LEU A 155 9.68 23.03 -1.76
C LEU A 155 8.67 23.93 -2.45
N TYR A 156 9.09 24.49 -3.59
CA TYR A 156 8.22 25.29 -4.46
C TYR A 156 8.06 24.55 -5.78
N ILE A 157 6.89 24.00 -6.00
CA ILE A 157 6.58 23.40 -7.28
C ILE A 157 6.15 24.53 -8.22
N ILE A 158 6.39 24.35 -9.52
CA ILE A 158 6.00 25.35 -10.51
C ILE A 158 5.33 24.67 -11.69
N MET A 159 4.36 25.37 -12.28
CA MET A 159 3.61 24.90 -13.44
C MET A 159 3.19 26.06 -14.33
N ILE A 170 -0.76 23.96 -5.43
CA ILE A 170 -0.16 23.17 -6.51
C ILE A 170 0.70 22.02 -5.92
N ALA A 171 1.23 22.21 -4.71
CA ALA A 171 1.99 21.14 -4.07
C ALA A 171 1.10 19.93 -3.79
N ARG A 172 -0.01 20.13 -3.08
CA ARG A 172 -0.93 19.02 -2.81
C ARG A 172 -1.36 18.36 -4.10
N GLU A 173 -1.65 19.15 -5.13
CA GLU A 173 -1.93 18.61 -6.46
C GLU A 173 -0.77 17.76 -6.95
N TRP A 174 0.46 18.29 -6.81
CA TRP A 174 1.63 17.61 -7.34
C TRP A 174 1.87 16.26 -6.68
N PHE A 175 2.00 16.24 -5.34
CA PHE A 175 2.13 14.97 -4.64
C PHE A 175 1.00 14.01 -4.97
N PHE A 176 -0.24 14.50 -5.02
CA PHE A 176 -1.33 13.61 -5.37
C PHE A 176 -1.13 13.04 -6.78
N LEU A 177 -0.94 13.91 -7.77
CA LEU A 177 -0.81 13.44 -9.15
C LEU A 177 0.41 12.55 -9.30
N LEU A 178 1.56 12.99 -8.80
CA LEU A 178 2.79 12.24 -9.02
C LEU A 178 2.71 10.89 -8.34
N SER A 179 2.06 10.84 -7.17
CA SER A 179 1.85 9.55 -6.51
C SER A 179 1.09 8.58 -7.40
N HIS A 180 0.33 9.06 -8.39
CA HIS A 180 -0.32 8.16 -9.34
C HIS A 180 0.48 7.97 -10.61
N GLU A 181 1.14 9.03 -11.08
CA GLU A 181 1.89 8.96 -12.32
C GLU A 181 2.97 7.88 -12.27
N VAL A 182 3.39 7.46 -11.08
CA VAL A 182 4.46 6.47 -10.98
C VAL A 182 3.95 5.05 -11.14
N LEU A 183 2.64 4.84 -11.13
CA LEU A 183 2.07 3.53 -11.38
C LEU A 183 1.79 3.27 -12.83
N ASN A 184 1.96 4.27 -13.66
CA ASN A 184 1.86 4.17 -15.11
C ASN A 184 2.54 2.87 -15.58
N PRO A 185 1.78 1.96 -16.18
CA PRO A 185 2.37 0.70 -16.66
C PRO A 185 3.53 0.88 -17.63
N MET A 186 3.60 2.02 -18.33
CA MET A 186 4.68 2.39 -19.24
C MET A 186 6.04 2.09 -18.64
N TYR A 187 6.14 2.22 -17.32
CA TYR A 187 7.41 2.17 -16.63
C TYR A 187 7.73 0.78 -16.07
N CYS A 188 6.74 -0.10 -15.97
CA CYS A 188 6.85 -1.52 -15.61
C CYS A 188 7.12 -1.79 -14.14
N LEU A 189 7.00 -0.80 -13.25
CA LEU A 189 7.49 -1.01 -11.89
C LEU A 189 6.54 -1.84 -11.00
N PHE A 190 5.25 -1.85 -11.27
CA PHE A 190 4.29 -2.46 -10.34
C PHE A 190 3.36 -3.43 -11.05
N GLU A 191 2.82 -4.32 -10.24
CA GLU A 191 1.71 -5.18 -10.60
C GLU A 191 0.78 -5.24 -9.41
N TYR A 192 -0.46 -5.62 -9.66
CA TYR A 192 -1.44 -5.82 -8.61
C TYR A 192 -1.65 -7.30 -8.32
N ALA A 193 -2.14 -7.58 -7.11
CA ALA A 193 -2.39 -8.96 -6.70
C ALA A 193 -3.84 -9.40 -6.90
N GLY A 194 -4.79 -8.48 -6.99
CA GLY A 194 -6.17 -8.84 -7.23
C GLY A 194 -6.74 -8.09 -8.42
N LYS A 195 -7.97 -8.48 -8.77
CA LYS A 195 -8.71 -7.75 -9.79
C LYS A 195 -8.77 -6.27 -9.45
N ASN A 196 -8.73 -5.44 -10.51
CA ASN A 196 -9.13 -4.04 -10.43
C ASN A 196 -8.27 -3.23 -9.46
N ASN A 197 -6.95 -3.35 -9.61
CA ASN A 197 -5.98 -2.50 -8.90
C ASN A 197 -5.97 -2.70 -7.38
N TYR A 198 -6.29 -3.89 -6.90
CA TYR A 198 -6.56 -4.04 -5.46
C TYR A 198 -5.30 -3.98 -4.61
N CYS A 199 -4.27 -4.77 -4.93
CA CYS A 199 -3.17 -4.98 -3.97
C CYS A 199 -1.80 -4.71 -4.61
N LEU A 200 -1.31 -3.48 -4.45
CA LEU A 200 -0.09 -3.05 -5.13
C LEU A 200 1.10 -3.90 -4.71
N GLN A 201 1.98 -4.18 -5.67
CA GLN A 201 3.18 -4.96 -5.37
C GLN A 201 4.26 -4.50 -6.34
N ILE A 202 5.51 -4.59 -5.90
CA ILE A 202 6.59 -4.43 -6.85
C ILE A 202 6.52 -5.57 -7.87
N ASN A 203 6.69 -5.22 -9.13
CA ASN A 203 6.65 -6.18 -10.22
C ASN A 203 7.97 -6.95 -10.26
N PRO A 204 7.95 -8.27 -10.17
CA PRO A 204 9.22 -9.03 -10.23
C PRO A 204 9.92 -8.91 -11.57
N ALA A 205 9.18 -8.60 -12.63
CA ALA A 205 9.74 -8.41 -13.96
C ALA A 205 10.08 -6.94 -14.26
N SER A 206 10.21 -6.09 -13.23
CA SER A 206 10.57 -4.69 -13.43
C SER A 206 11.84 -4.54 -14.24
N SER A 207 12.73 -5.53 -14.14
CA SER A 207 14.04 -5.50 -14.77
C SER A 207 13.93 -5.34 -16.28
N ILE A 208 12.77 -5.68 -16.87
CA ILE A 208 12.44 -5.38 -18.25
C ILE A 208 12.88 -3.95 -18.53
N ASN A 209 12.59 -3.05 -17.60
CA ASN A 209 12.99 -1.65 -17.69
C ASN A 209 14.42 -1.52 -17.17
N PRO A 210 15.41 -1.34 -18.05
CA PRO A 210 16.81 -1.36 -17.60
C PRO A 210 17.14 -0.37 -16.49
N ASP A 211 16.31 0.65 -16.26
CA ASP A 211 16.62 1.66 -15.27
C ASP A 211 15.76 1.54 -14.01
N HIS A 212 15.20 0.36 -13.76
CA HIS A 212 14.17 0.32 -12.75
C HIS A 212 14.71 0.68 -11.37
N LEU A 213 15.98 0.38 -11.08
CA LEU A 213 16.49 0.70 -9.75
C LEU A 213 16.56 2.20 -9.53
N THR A 214 16.89 2.97 -10.58
CA THR A 214 16.85 4.41 -10.44
C THR A 214 15.44 4.94 -10.16
N TYR A 215 14.43 4.38 -10.85
CA TYR A 215 13.05 4.78 -10.62
C TYR A 215 12.60 4.48 -9.19
N PHE A 216 12.98 3.32 -8.67
CA PHE A 216 12.63 2.99 -7.30
C PHE A 216 13.33 3.91 -6.31
N ARG A 217 14.55 4.34 -6.63
CA ARG A 217 15.20 5.35 -5.81
C ARG A 217 14.44 6.68 -5.89
N PHE A 218 13.95 7.05 -7.06
CA PHE A 218 13.20 8.31 -7.11
C PHE A 218 11.88 8.23 -6.31
N ILE A 219 11.15 7.12 -6.42
CA ILE A 219 9.96 6.94 -5.59
C ILE A 219 10.32 7.02 -4.12
N GLY A 220 11.41 6.37 -3.73
CA GLY A 220 11.91 6.44 -2.36
C GLY A 220 12.06 7.88 -1.92
N ARG A 221 12.85 8.63 -2.68
CA ARG A 221 13.02 10.06 -2.45
C ARG A 221 11.68 10.78 -2.40
N PHE A 222 10.79 10.42 -3.31
CA PHE A 222 9.51 11.13 -3.42
C PHE A 222 8.62 10.83 -2.22
N ILE A 223 8.52 9.55 -1.84
CA ILE A 223 7.70 9.23 -0.67
C ILE A 223 8.24 9.94 0.56
N ALA A 224 9.56 10.08 0.66
CA ALA A 224 10.16 10.71 1.83
C ALA A 224 9.92 12.22 1.85
N MET A 225 9.99 12.87 0.69
CA MET A 225 9.63 14.29 0.63
C MET A 225 8.23 14.52 1.16
N ALA A 226 7.30 13.64 0.80
CA ALA A 226 5.94 13.72 1.31
C ALA A 226 5.93 13.67 2.82
N LEU A 227 6.58 12.66 3.41
CA LEU A 227 6.67 12.61 4.86
C LEU A 227 7.33 13.88 5.44
N TYR A 228 8.46 14.30 4.87
CA TYR A 228 9.14 15.47 5.42
C TYR A 228 8.27 16.70 5.31
N HIS A 229 7.75 16.98 4.13
CA HIS A 229 6.99 18.22 3.98
C HIS A 229 5.51 18.06 4.30
N GLY A 230 5.08 16.89 4.75
CA GLY A 230 3.74 16.77 5.32
C GLY A 230 2.59 16.69 4.34
N LYS A 231 2.78 16.09 3.17
CA LYS A 231 1.70 15.95 2.19
C LYS A 231 1.30 14.49 2.04
N PHE A 232 0.07 14.27 1.62
CA PHE A 232 -0.50 12.94 1.55
C PHE A 232 -0.42 12.37 0.14
N ILE A 233 -0.10 11.09 0.04
CA ILE A 233 0.00 10.40 -1.25
C ILE A 233 -1.14 9.40 -1.41
N ASP A 234 -1.17 8.75 -2.57
CA ASP A 234 -2.29 7.89 -2.92
C ASP A 234 -1.81 6.68 -3.74
N THR A 235 -0.62 6.18 -3.46
CA THR A 235 -0.07 5.13 -4.31
C THR A 235 -0.69 3.77 -4.00
N GLY A 236 -0.90 3.48 -2.74
CA GLY A 236 -1.60 2.27 -2.38
C GLY A 236 -0.71 1.18 -1.87
N PHE A 237 0.47 1.51 -1.34
CA PHE A 237 1.28 0.49 -0.71
C PHE A 237 0.50 -0.22 0.39
N THR A 238 0.86 -1.47 0.60
CA THR A 238 0.23 -2.34 1.57
C THR A 238 0.97 -2.24 2.90
N LEU A 239 0.36 -2.74 3.96
CA LEU A 239 1.02 -2.75 5.26
C LEU A 239 2.33 -3.55 5.23
N PRO A 240 2.40 -4.75 4.63
CA PRO A 240 3.71 -5.43 4.48
C PRO A 240 4.86 -4.56 3.99
N PHE A 241 4.58 -3.59 3.12
CA PHE A 241 5.59 -2.68 2.60
C PHE A 241 5.99 -1.64 3.63
N TYR A 242 5.03 -1.11 4.38
CA TYR A 242 5.39 -0.23 5.48
C TYR A 242 6.19 -0.98 6.53
N LYS A 243 5.79 -2.22 6.84
CA LYS A 243 6.51 -3.05 7.80
C LYS A 243 8.00 -3.15 7.45
N ARG A 244 8.33 -3.12 6.16
CA ARG A 244 9.72 -3.20 5.75
C ARG A 244 10.45 -1.87 5.97
N MET A 245 9.78 -0.77 5.69
CA MET A 245 10.29 0.54 6.00
C MET A 245 10.64 0.69 7.47
N LEU A 246 10.09 -0.17 8.32
CA LEU A 246 10.31 -0.11 9.75
C LEU A 246 11.21 -1.23 10.25
N ASN A 247 11.78 -2.02 9.34
CA ASN A 247 12.61 -3.18 9.68
C ASN A 247 11.83 -4.20 10.52
N LYS A 248 10.55 -4.39 10.23
CA LYS A 248 9.77 -5.46 10.84
C LYS A 248 9.56 -6.58 9.83
N ARG A 249 9.43 -7.79 10.33
CA ARG A 249 9.33 -8.95 9.45
C ARG A 249 7.87 -9.26 9.15
N PRO A 250 7.45 -9.22 7.89
CA PRO A 250 6.09 -9.67 7.55
C PRO A 250 5.86 -11.08 8.03
N THR A 251 4.63 -11.34 8.47
CA THR A 251 4.30 -12.62 9.05
C THR A 251 3.28 -13.35 8.18
N LEU A 252 2.98 -14.59 8.57
CA LEU A 252 2.04 -15.42 7.83
C LEU A 252 0.65 -14.79 7.76
N LYS A 253 0.17 -14.21 8.88
CA LYS A 253 -1.11 -13.50 8.82
C LYS A 253 -1.12 -12.45 7.71
N ASP A 254 -0.01 -11.70 7.57
CA ASP A 254 0.08 -10.68 6.53
C ASP A 254 -0.09 -11.28 5.15
N LEU A 255 0.43 -12.49 4.93
CA LEU A 255 0.30 -13.13 3.62
C LEU A 255 -1.15 -13.17 3.15
N GLU A 256 -2.08 -13.36 4.07
CA GLU A 256 -3.48 -13.39 3.71
C GLU A 256 -3.94 -12.13 2.98
N SER A 257 -3.33 -10.99 3.28
CA SER A 257 -3.67 -9.76 2.60
C SER A 257 -3.21 -9.80 1.16
N ILE A 258 -2.13 -10.52 0.90
CA ILE A 258 -1.42 -10.45 -0.36
C ILE A 258 -1.66 -11.68 -1.23
N ASP A 259 -1.75 -12.85 -0.61
CA ASP A 259 -1.97 -14.11 -1.34
C ASP A 259 -2.85 -15.01 -0.49
N PRO A 260 -4.17 -14.81 -0.54
CA PRO A 260 -5.06 -15.72 0.18
C PRO A 260 -4.82 -17.19 -0.17
N GLU A 261 -4.73 -17.53 -1.45
CA GLU A 261 -4.57 -18.93 -1.82
C GLU A 261 -3.26 -19.48 -1.29
N PHE A 262 -2.16 -18.77 -1.47
CA PHE A 262 -0.87 -19.24 -0.98
C PHE A 262 -0.86 -19.38 0.54
N TYR A 263 -1.48 -18.41 1.23
CA TYR A 263 -1.65 -18.47 2.68
C TYR A 263 -2.38 -19.73 3.13
N ASN A 264 -3.45 -20.10 2.42
CA ASN A 264 -4.24 -21.26 2.79
C ASN A 264 -3.43 -22.53 2.68
N SER A 265 -2.54 -22.61 1.69
CA SER A 265 -1.64 -23.75 1.59
C SER A 265 -0.77 -23.87 2.84
N ILE A 266 -0.15 -22.77 3.27
CA ILE A 266 0.69 -22.81 4.47
C ILE A 266 -0.15 -23.03 5.71
N VAL A 267 -1.44 -22.65 5.67
CA VAL A 267 -2.31 -22.87 6.82
C VAL A 267 -2.49 -24.36 7.06
N TRP A 268 -2.78 -25.12 6.02
CA TRP A 268 -2.87 -26.57 6.17
C TRP A 268 -1.47 -27.11 6.44
N ILE A 269 -1.32 -27.78 7.59
CA ILE A 269 -0.09 -28.41 8.06
C ILE A 269 0.86 -27.39 8.67
N LYS A 270 0.32 -26.28 9.18
CA LYS A 270 1.12 -25.30 9.92
C LYS A 270 0.32 -24.15 10.53
N TYR A 282 16.04 -22.44 0.51
CA TYR A 282 15.08 -22.67 -0.55
C TYR A 282 15.62 -22.36 -1.97
N PHE A 283 14.87 -22.64 -3.03
CA PHE A 283 15.36 -22.33 -4.39
C PHE A 283 14.24 -21.82 -5.27
N ILE A 284 13.88 -22.51 -6.34
CA ILE A 284 12.72 -22.06 -7.13
C ILE A 284 11.46 -22.49 -6.35
N GLN A 285 11.77 -22.78 -5.10
CA GLN A 285 10.86 -23.20 -4.07
C GLN A 285 11.33 -24.54 -3.57
N ASP A 286 12.54 -24.49 -3.01
CA ASP A 286 13.31 -25.59 -2.39
C ASP A 286 12.58 -26.42 -1.40
N MET A 287 13.28 -27.06 -0.49
CA MET A 287 12.71 -28.01 0.45
C MET A 287 11.56 -28.87 -0.08
N GLU A 288 11.83 -30.12 -0.37
CA GLU A 288 10.84 -31.02 -0.97
C GLU A 288 9.63 -31.46 -0.16
N ILE A 289 8.47 -31.27 -0.74
CA ILE A 289 7.25 -31.66 -0.12
C ILE A 289 6.61 -32.66 -1.02
N LEU A 290 5.82 -33.55 -0.45
CA LEU A 290 5.14 -34.57 -1.18
C LEU A 290 3.90 -34.83 -0.39
N GLY A 291 2.78 -34.96 -1.04
CA GLY A 291 1.54 -35.18 -0.37
C GLY A 291 0.75 -33.92 -0.39
N GLY A 301 22.61 -25.32 2.01
CA GLY A 301 21.23 -25.47 1.59
C GLY A 301 20.90 -26.80 1.01
N GLY A 302 19.68 -27.01 0.56
CA GLY A 302 19.33 -28.30 0.00
C GLY A 302 18.48 -28.24 -1.25
N GLU A 303 19.06 -28.67 -2.38
CA GLU A 303 18.32 -28.75 -3.63
C GLU A 303 17.04 -29.56 -3.46
N SER A 304 17.05 -30.57 -2.59
CA SER A 304 15.85 -31.37 -2.34
C SER A 304 15.94 -32.04 -0.98
N ILE A 305 15.88 -31.24 0.08
CA ILE A 305 15.75 -31.74 1.45
C ILE A 305 14.27 -31.90 1.77
N ARG A 306 13.88 -33.09 2.21
CA ARG A 306 12.47 -33.38 2.42
C ARG A 306 11.90 -32.59 3.61
N VAL A 307 10.68 -32.10 3.43
CA VAL A 307 9.94 -31.45 4.50
C VAL A 307 9.35 -32.55 5.37
N THR A 308 9.70 -32.54 6.65
CA THR A 308 9.21 -33.52 7.61
C THR A 308 8.47 -32.77 8.71
N GLU A 309 7.75 -33.52 9.54
CA GLU A 309 7.15 -32.90 10.72
C GLU A 309 8.20 -32.42 11.70
N GLU A 310 9.44 -32.93 11.58
CA GLU A 310 10.58 -32.50 12.35
C GLU A 310 11.40 -31.41 11.66
N ASN A 311 10.79 -30.71 10.70
CA ASN A 311 11.34 -29.46 10.15
C ASN A 311 10.24 -28.68 9.41
N LYS A 312 8.98 -28.84 9.83
CA LYS A 312 7.89 -28.04 9.28
C LYS A 312 8.03 -26.57 9.66
N GLU A 313 8.35 -26.31 10.94
CA GLU A 313 8.45 -24.94 11.42
C GLU A 313 9.38 -24.10 10.56
N GLU A 314 10.60 -24.61 10.30
CA GLU A 314 11.57 -23.83 9.54
C GLU A 314 11.16 -23.70 8.07
N TYR A 315 10.47 -24.70 7.54
CA TYR A 315 9.97 -24.60 6.17
C TYR A 315 9.01 -23.43 6.03
N ILE A 316 7.96 -23.41 6.85
CA ILE A 316 7.02 -22.30 6.83
C ILE A 316 7.74 -20.96 6.98
N MET A 317 8.66 -20.85 7.94
CA MET A 317 9.35 -19.57 8.15
C MET A 317 10.16 -19.16 6.93
N LEU A 318 10.92 -20.09 6.35
CA LEU A 318 11.74 -19.74 5.19
C LEU A 318 10.87 -19.41 3.98
N LEU A 319 9.77 -20.14 3.80
CA LEU A 319 8.89 -19.99 2.64
C LEU A 319 8.01 -18.76 2.75
N THR A 320 7.58 -18.39 3.95
CA THR A 320 6.84 -17.15 4.14
C THR A 320 7.69 -15.96 3.75
N ASP A 321 8.87 -15.83 4.36
CA ASP A 321 9.81 -14.80 3.96
C ASP A 321 9.99 -14.80 2.45
N TRP A 322 10.09 -16.00 1.85
CA TRP A 322 10.34 -16.07 0.42
C TRP A 322 9.26 -15.35 -0.38
N ARG A 323 7.99 -15.59 -0.04
CA ARG A 323 6.88 -15.00 -0.77
C ARG A 323 6.87 -13.49 -0.67
N PHE A 324 7.41 -12.95 0.41
CA PHE A 324 7.41 -11.51 0.58
C PHE A 324 8.57 -10.84 -0.16
N THR A 325 9.69 -11.54 -0.32
CA THR A 325 10.91 -10.96 -0.87
C THR A 325 11.18 -11.36 -2.31
N ARG A 326 10.60 -12.45 -2.80
CA ARG A 326 11.01 -13.01 -4.07
C ARG A 326 10.80 -12.03 -5.22
N GLY A 327 11.75 -12.00 -6.14
CA GLY A 327 11.62 -11.21 -7.33
C GLY A 327 11.80 -9.73 -7.16
N VAL A 328 11.77 -9.20 -5.94
CA VAL A 328 11.67 -7.76 -5.72
C VAL A 328 12.69 -7.26 -4.70
N GLU A 329 13.78 -8.00 -4.51
CA GLU A 329 14.75 -7.67 -3.46
C GLU A 329 15.59 -6.44 -3.83
N GLU A 330 16.09 -6.38 -5.06
CA GLU A 330 16.81 -5.19 -5.53
C GLU A 330 15.89 -3.98 -5.53
N GLN A 331 14.68 -4.13 -6.06
CA GLN A 331 13.79 -2.99 -6.16
C GLN A 331 13.46 -2.42 -4.77
N THR A 332 13.30 -3.29 -3.79
CA THR A 332 12.97 -2.80 -2.45
C THR A 332 14.17 -2.08 -1.81
N LYS A 333 15.37 -2.65 -1.92
CA LYS A 333 16.56 -1.95 -1.45
C LYS A 333 16.66 -0.56 -2.06
N ALA A 334 16.51 -0.46 -3.37
CA ALA A 334 16.63 0.84 -4.02
C ALA A 334 15.55 1.81 -3.53
N PHE A 335 14.34 1.31 -3.26
CA PHE A 335 13.33 2.17 -2.67
C PHE A 335 13.80 2.74 -1.34
N LEU A 336 14.22 1.87 -0.40
CA LEU A 336 14.70 2.32 0.89
C LEU A 336 15.90 3.25 0.76
N ASP A 337 16.85 2.89 -0.10
CA ASP A 337 18.01 3.76 -0.29
C ASP A 337 17.55 5.18 -0.65
N GLY A 338 16.50 5.28 -1.46
CA GLY A 338 15.97 6.56 -1.87
C GLY A 338 15.21 7.27 -0.77
N PHE A 339 14.42 6.49 -0.03
CA PHE A 339 13.72 7.04 1.13
C PHE A 339 14.70 7.64 2.13
N ASN A 340 15.74 6.87 2.49
CA ASN A 340 16.62 7.22 3.60
C ASN A 340 17.40 8.50 3.33
N GLU A 341 17.98 8.63 2.13
CA GLU A 341 18.71 9.83 1.72
C GLU A 341 17.98 11.11 2.12
N VAL A 342 16.65 11.10 1.99
CA VAL A 342 15.86 12.30 2.22
C VAL A 342 15.40 12.40 3.67
N ALA A 343 14.87 11.31 4.23
CA ALA A 343 14.46 11.27 5.63
C ALA A 343 14.96 10.00 6.27
N PRO A 344 15.90 10.07 7.23
CA PRO A 344 16.45 8.86 7.85
C PRO A 344 15.38 7.90 8.34
N LEU A 345 15.43 6.65 7.84
CA LEU A 345 14.37 5.69 8.14
C LEU A 345 14.23 5.45 9.64
N GLU A 346 15.26 5.77 10.42
CA GLU A 346 15.22 5.60 11.86
C GLU A 346 14.39 6.66 12.55
N TRP A 347 14.07 7.76 11.86
CA TRP A 347 13.08 8.70 12.38
C TRP A 347 11.71 8.06 12.58
N LEU A 348 11.48 6.85 12.07
CA LEU A 348 10.21 6.16 12.24
C LEU A 348 10.30 5.06 13.28
N ARG A 349 11.24 5.16 14.22
CA ARG A 349 11.41 4.13 15.24
C ARG A 349 10.15 3.95 16.05
N TYR A 350 9.44 5.05 16.35
CA TYR A 350 8.29 4.96 17.24
C TYR A 350 7.12 4.25 16.58
N PHE A 351 6.86 4.57 15.32
CA PHE A 351 5.65 4.22 14.61
C PHE A 351 5.54 2.73 14.29
N ASP A 352 4.30 2.27 14.11
CA ASP A 352 4.02 0.96 13.55
C ASP A 352 3.55 1.09 12.10
N GLU A 353 3.22 -0.06 11.48
CA GLU A 353 2.89 -0.08 10.08
C GLU A 353 1.60 0.67 9.80
N LYS A 354 0.62 0.55 10.70
CA LYS A 354 -0.61 1.27 10.48
C LYS A 354 -0.44 2.78 10.71
N GLU A 355 0.28 3.16 11.75
CA GLU A 355 0.49 4.58 12.01
C GLU A 355 1.25 5.23 10.86
N LEU A 356 2.16 4.48 10.25
CA LEU A 356 2.96 5.03 9.17
C LEU A 356 2.13 5.25 7.90
N GLU A 357 1.22 4.31 7.59
CA GLU A 357 0.34 4.51 6.44
C GLU A 357 -0.56 5.71 6.66
N LEU A 358 -0.91 5.97 7.92
CA LEU A 358 -1.71 7.13 8.25
C LEU A 358 -1.04 8.43 7.84
N MET A 359 0.23 8.60 8.24
CA MET A 359 0.95 9.81 7.90
C MET A 359 1.03 10.00 6.39
N LEU A 360 1.49 8.96 5.70
CA LEU A 360 1.63 9.04 4.26
C LEU A 360 0.30 9.33 3.60
N CYS A 361 -0.78 8.69 4.07
CA CYS A 361 -2.05 8.80 3.38
C CYS A 361 -2.95 9.88 3.95
N GLY A 362 -2.89 10.13 5.24
CA GLY A 362 -3.83 11.08 5.83
C GLY A 362 -5.08 10.38 6.33
N MET A 363 -5.65 10.95 7.39
CA MET A 363 -6.92 10.45 7.91
C MET A 363 -8.07 11.04 7.13
N GLN A 364 -9.10 10.23 6.94
CA GLN A 364 -10.42 10.66 6.52
C GLN A 364 -11.37 10.50 7.69
N GLU A 365 -12.40 11.34 7.77
CA GLU A 365 -13.36 11.20 8.85
C GLU A 365 -14.30 10.04 8.55
N ILE A 366 -14.29 9.02 9.40
CA ILE A 366 -15.23 7.90 9.26
C ILE A 366 -16.58 8.34 9.81
N ASP A 367 -17.64 8.21 9.00
CA ASP A 367 -19.01 8.49 9.40
C ASP A 367 -19.78 7.18 9.56
N MET A 368 -20.38 6.99 10.74
CA MET A 368 -20.93 5.68 11.08
C MET A 368 -22.17 5.34 10.26
N SER A 369 -23.01 6.34 9.96
CA SER A 369 -24.22 6.05 9.19
C SER A 369 -23.88 5.45 7.84
N ASP A 370 -22.86 5.99 7.17
CA ASP A 370 -22.40 5.42 5.91
C ASP A 370 -21.93 3.98 6.09
N TRP A 371 -21.08 3.75 7.11
CA TRP A 371 -20.55 2.41 7.38
C TRP A 371 -21.68 1.40 7.58
N GLN A 372 -22.75 1.80 8.27
CA GLN A 372 -23.76 0.86 8.76
C GLN A 372 -24.69 0.37 7.65
N LYS A 373 -25.12 1.26 6.76
CA LYS A 373 -25.94 0.82 5.64
C LYS A 373 -25.15 -0.06 4.70
N SER A 374 -23.84 0.11 4.62
CA SER A 374 -23.07 -0.58 3.61
C SER A 374 -22.44 -1.86 4.11
N THR A 375 -22.53 -2.16 5.41
CA THR A 375 -22.03 -3.41 5.98
C THR A 375 -23.04 -4.56 5.80
N ILE A 376 -22.56 -5.69 5.31
CA ILE A 376 -23.38 -6.91 5.19
C ILE A 376 -23.01 -7.87 6.32
N TYR A 377 -23.76 -8.97 6.43
CA TYR A 377 -23.64 -9.89 7.56
C TYR A 377 -23.66 -11.33 7.08
N ARG A 378 -23.04 -12.21 7.88
CA ARG A 378 -23.07 -13.66 7.66
C ARG A 378 -23.33 -14.35 8.99
N HIS A 379 -24.47 -15.04 9.09
CA HIS A 379 -24.96 -15.68 10.33
C HIS A 379 -25.44 -14.67 11.37
N TYR A 380 -25.22 -13.39 11.11
CA TYR A 380 -25.69 -12.30 11.94
C TYR A 380 -26.82 -11.56 11.22
N THR A 381 -27.42 -10.60 11.91
CA THR A 381 -28.39 -9.71 11.30
C THR A 381 -28.28 -8.35 11.97
N LYS A 382 -28.89 -7.34 11.34
CA LYS A 382 -28.80 -5.97 11.87
C LYS A 382 -29.13 -5.92 13.36
N ASN A 383 -30.08 -6.73 13.79
CA ASN A 383 -30.58 -6.68 15.17
C ASN A 383 -29.93 -7.74 16.07
N SER A 384 -29.02 -8.56 15.53
CA SER A 384 -28.36 -9.58 16.34
C SER A 384 -27.62 -8.94 17.51
N LYS A 385 -27.42 -9.72 18.56
CA LYS A 385 -27.00 -9.16 19.84
C LYS A 385 -25.61 -8.52 19.76
N GLN A 386 -24.63 -9.26 19.25
CA GLN A 386 -23.26 -8.75 19.21
C GLN A 386 -23.04 -7.75 18.09
N ILE A 387 -23.76 -7.91 16.98
CA ILE A 387 -23.73 -6.92 15.92
C ILE A 387 -24.27 -5.59 16.44
N GLN A 388 -25.17 -5.65 17.43
CA GLN A 388 -25.66 -4.41 18.02
C GLN A 388 -24.64 -3.81 18.99
N TRP A 389 -23.94 -4.66 19.75
CA TRP A 389 -22.86 -4.17 20.61
C TRP A 389 -21.68 -3.67 19.79
N PHE A 390 -21.42 -4.28 18.63
CA PHE A 390 -20.31 -3.83 17.77
C PHE A 390 -20.43 -2.34 17.45
N TRP A 391 -21.60 -1.92 16.96
CA TRP A 391 -21.76 -0.54 16.52
C TRP A 391 -21.76 0.44 17.70
N GLN A 392 -22.18 -0.01 18.88
CA GLN A 392 -22.03 0.83 20.07
C GLN A 392 -20.56 1.10 20.39
N VAL A 393 -19.70 0.09 20.32
CA VAL A 393 -18.28 0.34 20.56
C VAL A 393 -17.73 1.29 19.52
N VAL A 394 -18.26 1.22 18.29
CA VAL A 394 -17.81 2.13 17.25
C VAL A 394 -18.21 3.56 17.58
N LYS A 395 -19.48 3.79 17.92
CA LYS A 395 -19.91 5.15 18.23
C LYS A 395 -19.08 5.72 19.38
N GLU A 396 -18.74 4.89 20.36
CA GLU A 396 -17.87 5.34 21.44
C GLU A 396 -16.46 5.60 20.93
N MET A 397 -16.07 4.92 19.86
CA MET A 397 -14.75 5.12 19.30
C MET A 397 -14.66 6.49 18.65
N ASP A 398 -13.46 7.08 18.75
CA ASP A 398 -13.09 8.26 18.01
C ASP A 398 -12.55 7.88 16.63
N ASN A 399 -12.46 8.87 15.74
CA ASN A 399 -12.16 8.60 14.33
C ASN A 399 -10.84 7.87 14.16
N GLU A 400 -9.83 8.17 14.99
CA GLU A 400 -8.57 7.44 14.85
C GLU A 400 -8.78 5.97 15.13
N LYS A 401 -9.50 5.65 16.20
CA LYS A 401 -9.82 4.26 16.48
C LYS A 401 -10.70 3.67 15.40
N ARG A 402 -11.59 4.48 14.82
CA ARG A 402 -12.42 4.02 13.72
C ARG A 402 -11.56 3.61 12.53
N ILE A 403 -10.59 4.46 12.16
CA ILE A 403 -9.68 4.15 11.07
C ILE A 403 -8.84 2.94 11.42
N ARG A 404 -8.44 2.82 12.69
CA ARG A 404 -7.67 1.65 13.08
C ARG A 404 -8.52 0.39 13.00
N LEU A 405 -9.80 0.48 13.36
CA LEU A 405 -10.69 -0.63 13.05
C LEU A 405 -10.74 -0.87 11.54
N LEU A 406 -10.87 0.21 10.77
CA LEU A 406 -10.88 0.09 9.31
C LEU A 406 -9.66 -0.67 8.80
N GLN A 407 -8.47 -0.29 9.26
CA GLN A 407 -7.25 -0.94 8.75
C GLN A 407 -7.21 -2.39 9.14
N PHE A 408 -7.63 -2.72 10.36
CA PHE A 408 -7.57 -4.09 10.84
C PHE A 408 -8.38 -5.02 9.96
N VAL A 409 -9.39 -4.50 9.28
CA VAL A 409 -10.35 -5.31 8.58
C VAL A 409 -10.21 -5.25 7.07
N THR A 410 -9.80 -4.12 6.50
CA THR A 410 -9.67 -4.02 5.05
C THR A 410 -8.23 -4.06 4.60
N GLY A 411 -7.28 -3.94 5.52
CA GLY A 411 -5.88 -3.73 5.18
C GLY A 411 -5.42 -2.28 5.03
N THR A 412 -6.32 -1.29 5.06
CA THR A 412 -5.87 0.07 4.74
C THR A 412 -6.79 1.13 5.34
N CYS A 413 -6.21 2.29 5.59
CA CYS A 413 -6.92 3.45 6.11
C CYS A 413 -7.63 4.27 5.05
N ARG A 414 -7.59 3.85 3.80
CA ARG A 414 -8.05 4.65 2.66
C ARG A 414 -9.46 4.24 2.23
N LEU A 415 -10.42 5.15 2.43
CA LEU A 415 -11.77 4.80 2.02
C LEU A 415 -12.08 5.44 0.67
N PRO A 416 -12.60 4.69 -0.29
CA PRO A 416 -12.77 5.22 -1.65
C PRO A 416 -13.81 6.34 -1.74
N VAL A 417 -13.89 6.94 -2.92
CA VAL A 417 -14.64 8.19 -3.11
C VAL A 417 -16.13 7.99 -2.82
N GLY A 418 -16.68 6.83 -3.21
CA GLY A 418 -18.11 6.61 -3.05
C GLY A 418 -18.56 6.44 -1.61
N GLY A 419 -17.65 6.02 -0.73
CA GLY A 419 -17.97 5.70 0.65
C GLY A 419 -17.80 4.20 0.91
N PHE A 420 -18.20 3.80 2.12
CA PHE A 420 -18.18 2.38 2.40
C PHE A 420 -18.99 1.58 1.39
N ALA A 421 -19.92 2.23 0.69
CA ALA A 421 -20.69 1.52 -0.32
C ALA A 421 -19.82 0.98 -1.45
N GLU A 422 -18.60 1.48 -1.60
CA GLU A 422 -17.83 1.19 -2.80
C GLU A 422 -16.48 0.55 -2.52
N LEU A 423 -16.24 0.07 -1.30
CA LEU A 423 -14.96 -0.56 -0.99
C LEU A 423 -14.78 -1.82 -1.83
N ILE A 424 -13.57 -2.02 -2.36
CA ILE A 424 -13.28 -3.15 -3.22
C ILE A 424 -12.42 -4.16 -2.46
N GLY A 425 -12.27 -5.33 -3.06
CA GLY A 425 -11.57 -6.43 -2.43
C GLY A 425 -10.76 -7.22 -3.44
N SER A 426 -10.15 -8.31 -2.99
CA SER A 426 -9.36 -9.18 -3.86
C SER A 426 -10.10 -9.61 -5.12
N ASN A 427 -11.32 -10.14 -4.97
CA ASN A 427 -11.98 -10.80 -6.09
C ASN A 427 -12.95 -9.89 -6.83
N GLY A 428 -13.03 -8.62 -6.44
CA GLY A 428 -13.98 -7.69 -7.01
C GLY A 428 -14.59 -6.79 -5.94
N PRO A 429 -15.73 -6.17 -6.23
CA PRO A 429 -16.40 -5.38 -5.19
C PRO A 429 -16.87 -6.26 -4.06
N GLN A 430 -16.83 -5.69 -2.85
CA GLN A 430 -16.97 -6.44 -1.61
C GLN A 430 -17.27 -5.49 -0.46
N LYS A 431 -18.53 -5.39 -0.07
CA LYS A 431 -18.85 -4.53 1.06
C LYS A 431 -18.30 -5.16 2.35
N PHE A 432 -18.24 -4.33 3.38
CA PHE A 432 -17.81 -4.81 4.69
C PHE A 432 -18.76 -5.90 5.19
N CYS A 433 -18.19 -6.89 5.86
CA CYS A 433 -18.90 -8.10 6.27
C CYS A 433 -18.48 -8.51 7.68
N ILE A 434 -19.45 -8.64 8.59
CA ILE A 434 -19.25 -9.20 9.92
C ILE A 434 -19.90 -10.58 9.97
N ASP A 435 -19.14 -11.58 10.44
CA ASP A 435 -19.53 -12.98 10.40
C ASP A 435 -19.44 -13.60 11.79
N LYS A 436 -20.48 -14.35 12.17
CA LYS A 436 -20.44 -15.15 13.38
C LYS A 436 -19.55 -16.35 13.13
N VAL A 437 -18.37 -16.35 13.72
CA VAL A 437 -17.38 -17.42 13.60
C VAL A 437 -16.52 -17.40 14.85
N GLY A 438 -16.15 -18.59 15.35
CA GLY A 438 -15.19 -18.72 16.41
C GLY A 438 -15.84 -18.91 17.77
N LYS A 439 -15.06 -19.50 18.69
CA LYS A 439 -15.49 -19.64 20.07
C LYS A 439 -15.44 -18.29 20.79
N GLU A 440 -16.25 -18.16 21.84
CA GLU A 440 -16.36 -16.87 22.53
C GLU A 440 -15.12 -16.53 23.34
N THR A 441 -14.09 -17.37 23.28
CA THR A 441 -12.82 -17.13 23.95
C THR A 441 -11.76 -16.56 23.00
N TRP A 442 -12.13 -16.26 21.76
CA TRP A 442 -11.22 -15.76 20.73
C TRP A 442 -11.29 -14.24 20.59
N LEU A 443 -10.23 -13.70 20.04
CA LEU A 443 -10.26 -12.35 19.54
C LEU A 443 -10.93 -12.31 18.17
N PRO A 444 -11.50 -11.18 17.79
CA PRO A 444 -11.98 -11.04 16.41
C PRO A 444 -10.82 -11.18 15.43
N ARG A 445 -11.06 -11.93 14.37
CA ARG A 445 -10.11 -12.13 13.30
C ARG A 445 -10.60 -11.33 12.09
N SER A 446 -9.69 -11.00 11.19
CA SER A 446 -10.11 -10.42 9.92
C SER A 446 -9.53 -11.20 8.75
N HIS A 447 -10.15 -10.99 7.59
CA HIS A 447 -9.67 -11.52 6.31
C HIS A 447 -9.69 -10.30 5.42
N THR A 448 -8.52 -9.69 5.28
CA THR A 448 -8.37 -8.46 4.50
C THR A 448 -8.91 -8.61 3.08
N CYS A 449 -8.55 -9.70 2.40
CA CYS A 449 -8.90 -9.82 0.99
C CYS A 449 -10.40 -9.90 0.78
N PHE A 450 -11.17 -10.36 1.75
CA PHE A 450 -12.61 -10.32 1.65
C PHE A 450 -13.23 -9.19 2.44
N ASN A 451 -12.41 -8.28 2.99
CA ASN A 451 -12.88 -7.24 3.91
C ASN A 451 -13.85 -7.81 4.95
N ARG A 452 -13.52 -8.99 5.48
CA ARG A 452 -14.42 -9.72 6.37
C ARG A 452 -13.96 -9.64 7.82
N LEU A 453 -14.89 -9.34 8.72
CA LEU A 453 -14.63 -9.34 10.17
C LEU A 453 -15.31 -10.53 10.82
N ASP A 454 -14.55 -11.30 11.58
CA ASP A 454 -15.06 -12.45 12.32
C ASP A 454 -15.27 -12.00 13.77
N LEU A 455 -16.51 -11.64 14.11
CA LEU A 455 -16.83 -11.32 15.50
C LEU A 455 -17.45 -12.54 16.17
N PRO A 456 -16.74 -13.22 17.06
CA PRO A 456 -17.29 -14.43 17.69
C PRO A 456 -18.57 -14.15 18.45
N PRO A 457 -19.41 -15.17 18.65
CA PRO A 457 -20.61 -15.00 19.45
C PRO A 457 -20.26 -14.76 20.92
N TYR A 458 -20.03 -13.48 21.26
CA TYR A 458 -19.68 -13.07 22.62
C TYR A 458 -20.93 -12.98 23.48
N LYS A 459 -20.71 -12.94 24.79
CA LYS A 459 -21.81 -13.03 25.76
C LYS A 459 -22.09 -11.73 26.50
N SER A 460 -21.08 -10.98 26.91
CA SER A 460 -21.27 -9.68 27.57
C SER A 460 -20.73 -8.57 26.67
N TYR A 461 -21.50 -7.48 26.55
CA TYR A 461 -21.06 -6.35 25.74
C TYR A 461 -19.67 -5.87 26.15
N GLU A 462 -19.36 -5.89 27.46
CA GLU A 462 -18.05 -5.37 27.85
C GLU A 462 -16.93 -6.34 27.52
N GLN A 463 -17.27 -7.63 27.41
CA GLN A 463 -16.32 -8.62 26.94
C GLN A 463 -15.90 -8.35 25.51
N LEU A 464 -16.88 -8.23 24.60
CA LEU A 464 -16.62 -7.79 23.23
C LEU A 464 -15.81 -6.49 23.21
N ARG A 465 -16.22 -5.52 24.02
CA ARG A 465 -15.49 -4.26 24.07
C ARG A 465 -14.02 -4.50 24.33
N GLU A 466 -13.71 -5.32 25.33
CA GLU A 466 -12.32 -5.66 25.61
C GLU A 466 -11.67 -6.31 24.40
N LYS A 467 -12.30 -7.36 23.86
CA LYS A 467 -11.70 -8.13 22.78
C LYS A 467 -11.60 -7.31 21.49
N LEU A 468 -12.58 -6.46 21.22
CA LEU A 468 -12.52 -5.61 20.03
C LEU A 468 -11.37 -4.63 20.12
N LEU A 469 -11.35 -3.82 21.18
CA LEU A 469 -10.31 -2.82 21.34
C LEU A 469 -8.92 -3.42 21.52
N TYR A 470 -8.85 -4.70 21.95
CA TYR A 470 -7.57 -5.40 22.00
C TYR A 470 -7.16 -5.93 20.62
N ALA A 471 -8.09 -6.53 19.89
CA ALA A 471 -7.75 -7.10 18.59
C ALA A 471 -7.17 -6.06 17.64
N ILE A 472 -7.57 -4.80 17.77
CA ILE A 472 -7.20 -3.81 16.78
C ILE A 472 -5.99 -2.99 17.20
N GLU A 473 -5.67 -2.93 18.49
CA GLU A 473 -4.58 -2.11 18.96
C GLU A 473 -3.24 -2.82 18.91
N GLU A 474 -3.26 -4.15 18.81
CA GLU A 474 -2.04 -4.93 18.67
C GLU A 474 -1.31 -4.53 17.41
#